data_7YJL
#
_entry.id   7YJL
#
_cell.length_a   1.00
_cell.length_b   1.00
_cell.length_c   1.00
_cell.angle_alpha   90.00
_cell.angle_beta   90.00
_cell.angle_gamma   90.00
#
_symmetry.space_group_name_H-M   'P 1'
#
_entity_poly.entity_id   1
_entity_poly.type   'polypeptide(L)'
_entity_poly.pdbx_seq_one_letter_code
;VTAASGFVDLATFSDLEAYLYGGCSAVTYFVRAIKKANWFSFLPVVLRNISGLPGFGSEFSASVNRSGDYVLNTWLRVRL
PLVAIRPTNTGGAINANATIRWTRNFMHNLVEKVNITFNDLIVHEFDSYWFDFNSQFNIDASKRVGYRNMIGDIPAMINP
VTTGNPLGTGEFFNLPIPLFYTEDSGLALAVSALPFNDIKINYCLRRWQDLIVLNVGVGGNPPTYDDIVQVSYDSTFTLI
YSSNAPAITNVETWCHYAVVHNDERVKMGKNPRDMVIKQVQKVNETTINLSQLNALVPIDIRVSHAVVGYFYAIRNSSTT
GEWSNYTTEPAYAGLDPLEAAQLVYESTARVSNGSDYYSLMVPWYWHKSIPEETGYHAYSYSLDTFASDPKGSTNYSKLT
NVSNQYVPSTAAVNASAGVTNTGIPIPSATNPAVTQQNQTFQHIFRVLNFNVLRLSGGS
;
_entity_poly.pdbx_strand_id   A
#
# COMPACT_ATOMS: atom_id res chain seq x y z
N VAL A 1 14.16 -24.49 -49.17
CA VAL A 1 13.51 -23.32 -49.75
C VAL A 1 13.62 -22.16 -48.78
N THR A 2 14.81 -21.57 -48.70
CA THR A 2 15.07 -20.49 -47.75
C THR A 2 16.12 -19.54 -48.29
N ALA A 3 16.29 -18.43 -47.58
CA ALA A 3 17.18 -17.36 -47.98
C ALA A 3 18.59 -17.63 -47.46
N ALA A 4 19.57 -17.42 -48.33
CA ALA A 4 20.96 -17.37 -47.87
C ALA A 4 21.37 -15.94 -47.55
N SER A 5 21.30 -15.07 -48.55
CA SER A 5 21.54 -13.64 -48.34
C SER A 5 20.60 -12.89 -49.29
N GLY A 6 19.40 -12.57 -48.80
CA GLY A 6 18.52 -11.73 -49.58
C GLY A 6 19.20 -10.45 -50.01
N PHE A 7 19.65 -9.67 -49.04
CA PHE A 7 20.64 -8.61 -49.22
C PHE A 7 20.12 -7.42 -50.02
N VAL A 8 18.91 -7.48 -50.57
CA VAL A 8 18.44 -6.38 -51.41
C VAL A 8 18.14 -5.16 -50.57
N ASP A 9 17.71 -5.39 -49.32
CA ASP A 9 17.32 -4.27 -48.47
C ASP A 9 18.38 -3.18 -48.47
N LEU A 10 19.64 -3.57 -48.24
CA LEU A 10 20.68 -2.57 -48.05
C LEU A 10 20.79 -1.65 -49.24
N ALA A 11 20.37 -2.11 -50.41
CA ALA A 11 20.61 -1.34 -51.63
C ALA A 11 19.83 -0.03 -51.63
N THR A 12 18.80 0.07 -50.80
CA THR A 12 17.88 1.19 -50.85
C THR A 12 18.20 2.16 -49.72
N PHE A 13 19.10 3.11 -49.97
CA PHE A 13 19.38 4.20 -49.06
C PHE A 13 19.03 5.50 -49.79
N SER A 14 17.74 5.84 -49.76
CA SER A 14 17.25 7.10 -50.25
C SER A 14 17.14 8.11 -49.11
N ASP A 15 16.46 9.22 -49.37
CA ASP A 15 16.40 10.30 -48.40
C ASP A 15 15.79 9.84 -47.08
N LEU A 16 14.56 9.31 -47.13
CA LEU A 16 13.89 8.90 -45.91
C LEU A 16 14.80 8.06 -45.04
N GLU A 17 15.50 7.11 -45.65
CA GLU A 17 16.43 6.26 -44.90
C GLU A 17 17.71 7.02 -44.58
N ALA A 18 18.01 8.05 -45.38
CA ALA A 18 19.28 8.76 -45.23
C ALA A 18 19.30 9.61 -43.98
N TYR A 19 18.24 10.37 -43.74
CA TYR A 19 18.20 11.24 -42.56
C TYR A 19 18.62 10.47 -41.32
N LEU A 20 18.11 9.25 -41.17
CA LEU A 20 18.27 8.50 -39.93
C LEU A 20 19.47 7.58 -39.92
N TYR A 21 19.51 6.60 -40.84
CA TYR A 21 20.44 5.48 -40.66
C TYR A 21 21.89 5.91 -40.82
N GLY A 22 22.23 6.53 -41.93
CA GLY A 22 23.62 6.86 -42.18
C GLY A 22 24.07 8.15 -41.54
N GLY A 23 25.39 8.37 -41.59
CA GLY A 23 25.98 9.58 -41.08
C GLY A 23 26.69 9.39 -39.75
N CYS A 24 27.05 10.52 -39.14
CA CYS A 24 27.70 10.53 -37.83
C CYS A 24 26.68 10.28 -36.72
N SER A 25 26.33 9.01 -36.56
CA SER A 25 25.43 8.57 -35.50
C SER A 25 25.64 7.08 -35.27
N ALA A 26 26.30 6.75 -34.16
CA ALA A 26 26.48 5.37 -33.75
C ALA A 26 27.20 4.54 -34.83
N VAL A 27 28.48 4.87 -35.01
CA VAL A 27 29.31 4.16 -36.00
C VAL A 27 29.08 2.66 -35.93
N THR A 28 28.69 2.16 -34.75
CA THR A 28 28.26 0.77 -34.58
C THR A 28 27.12 0.76 -33.58
N TYR A 29 26.13 -0.09 -33.84
CA TYR A 29 24.99 -0.20 -32.93
C TYR A 29 24.98 -1.53 -32.20
N PHE A 30 25.66 -2.53 -32.76
CA PHE A 30 25.61 -3.88 -32.19
C PHE A 30 26.38 -3.96 -30.89
N VAL A 31 27.57 -3.37 -30.84
CA VAL A 31 28.40 -3.43 -29.65
C VAL A 31 27.79 -2.56 -28.56
N ARG A 32 28.32 -2.71 -27.35
CA ARG A 32 27.88 -1.93 -26.20
C ARG A 32 29.07 -1.29 -25.53
N ALA A 33 28.98 0.01 -25.28
CA ALA A 33 29.94 0.66 -24.41
C ALA A 33 29.63 0.31 -22.97
N ILE A 34 30.67 0.27 -22.16
CA ILE A 34 30.57 -0.22 -20.79
C ILE A 34 31.18 0.83 -19.87
N LYS A 35 30.43 1.19 -18.83
CA LYS A 35 30.82 2.24 -17.91
C LYS A 35 31.08 1.63 -16.55
N LYS A 36 32.34 1.67 -16.12
CA LYS A 36 32.74 1.00 -14.90
C LYS A 36 32.05 1.64 -13.70
N ALA A 37 32.13 0.95 -12.56
CA ALA A 37 31.34 1.29 -11.40
C ALA A 37 32.19 1.23 -10.14
N ASN A 38 31.52 1.27 -8.99
CA ASN A 38 32.21 1.33 -7.71
C ASN A 38 32.39 -0.06 -7.11
N TRP A 39 33.19 -0.12 -6.06
CA TRP A 39 33.45 -1.37 -5.35
C TRP A 39 32.50 -1.43 -4.17
N PHE A 40 31.53 -2.33 -4.24
CA PHE A 40 30.56 -2.47 -3.17
C PHE A 40 29.89 -3.82 -3.21
N SER A 41 30.01 -4.55 -2.12
CA SER A 41 29.31 -5.79 -1.88
C SER A 41 28.38 -5.59 -0.68
N PHE A 42 27.12 -5.96 -0.83
CA PHE A 42 26.11 -5.68 0.17
C PHE A 42 25.40 -6.96 0.57
N LEU A 43 25.56 -7.34 1.84
CA LEU A 43 24.91 -8.50 2.41
C LEU A 43 24.05 -8.05 3.58
N PRO A 44 22.88 -8.63 3.78
CA PRO A 44 21.92 -8.07 4.73
C PRO A 44 22.36 -8.24 6.18
N VAL A 45 21.59 -7.63 7.07
CA VAL A 45 21.76 -7.80 8.51
C VAL A 45 20.43 -7.53 9.18
N VAL A 46 20.30 -8.05 10.40
CA VAL A 46 19.18 -7.65 11.25
C VAL A 46 19.56 -6.38 11.99
N LEU A 47 18.54 -5.67 12.45
CA LEU A 47 18.80 -4.46 13.20
C LEU A 47 18.87 -4.77 14.69
N ARG A 48 19.07 -3.74 15.48
CA ARG A 48 19.14 -3.93 16.92
C ARG A 48 17.87 -4.59 17.42
N ASN A 49 17.90 -4.99 18.68
CA ASN A 49 16.69 -5.47 19.33
C ASN A 49 15.81 -4.28 19.69
N ILE A 50 14.52 -4.37 19.35
CA ILE A 50 13.72 -3.17 19.17
C ILE A 50 13.12 -2.72 20.49
N SER A 51 13.21 -1.42 20.76
CA SER A 51 12.54 -0.84 21.92
C SER A 51 11.07 -1.17 21.90
N GLY A 52 10.44 -1.05 23.06
CA GLY A 52 9.03 -1.35 23.18
C GLY A 52 8.74 -2.81 22.94
N LEU A 53 7.56 -3.23 23.39
CA LEU A 53 7.10 -4.59 23.15
C LEU A 53 6.29 -4.63 21.86
N PRO A 54 6.69 -5.41 20.86
CA PRO A 54 5.98 -5.39 19.59
C PRO A 54 4.92 -6.48 19.44
N GLY A 55 4.05 -6.29 18.46
CA GLY A 55 3.35 -7.39 17.84
C GLY A 55 1.89 -7.21 17.49
N PHE A 56 1.07 -6.59 18.34
CA PHE A 56 -0.27 -6.21 17.91
C PHE A 56 -0.72 -4.83 18.40
N GLY A 57 -0.41 -4.50 19.65
CA GLY A 57 -1.07 -3.37 20.28
C GLY A 57 -0.08 -2.36 20.80
N SER A 58 0.97 -2.11 20.04
CA SER A 58 2.05 -1.27 20.52
C SER A 58 2.54 -0.36 19.41
N GLU A 59 3.48 0.49 19.78
CA GLU A 59 4.18 1.36 18.84
C GLU A 59 5.66 1.22 19.12
N PHE A 60 6.30 0.24 18.50
CA PHE A 60 7.71 0.01 18.69
C PHE A 60 8.47 0.77 17.61
N SER A 61 9.75 0.97 17.88
CA SER A 61 10.59 1.83 17.06
C SER A 61 12.01 1.27 17.02
N ALA A 62 12.45 0.87 15.83
CA ALA A 62 13.77 0.32 15.68
C ALA A 62 14.80 1.44 15.47
N SER A 63 16.05 1.02 15.35
CA SER A 63 17.17 1.92 15.16
C SER A 63 18.01 1.40 14.01
N VAL A 64 19.12 2.09 13.78
CA VAL A 64 20.07 1.73 12.73
C VAL A 64 21.48 1.92 13.27
N ASN A 65 22.36 1.01 12.90
CA ASN A 65 23.77 1.14 13.21
C ASN A 65 24.48 1.88 12.08
N ARG A 66 25.64 2.43 12.39
CA ARG A 66 26.40 3.20 11.43
C ARG A 66 27.53 2.40 10.78
N SER A 67 27.66 1.12 11.09
CA SER A 67 28.76 0.35 10.52
C SER A 67 28.67 0.29 9.00
N GLY A 68 27.44 0.14 8.49
CA GLY A 68 27.24 0.18 7.05
C GLY A 68 27.57 1.55 6.51
N ASP A 69 27.35 1.74 5.21
CA ASP A 69 27.57 3.05 4.60
C ASP A 69 26.30 3.58 3.98
N TYR A 70 25.69 2.82 3.09
CA TYR A 70 24.46 3.22 2.41
C TYR A 70 23.30 2.42 2.97
N VAL A 71 22.13 2.67 2.39
CA VAL A 71 20.94 1.86 2.62
C VAL A 71 20.11 1.92 1.34
N LEU A 72 19.62 0.76 0.90
CA LEU A 72 19.05 0.64 -0.43
C LEU A 72 17.59 0.18 -0.41
N ASN A 73 17.29 -0.87 0.33
CA ASN A 73 15.94 -1.40 0.39
C ASN A 73 15.55 -1.51 1.85
N THR A 74 14.33 -1.96 2.10
CA THR A 74 13.85 -2.18 3.45
C THR A 74 12.57 -2.98 3.46
N TRP A 75 12.33 -3.68 4.57
CA TRP A 75 11.15 -4.52 4.67
C TRP A 75 10.96 -4.97 6.11
N LEU A 76 9.83 -5.62 6.35
CA LEU A 76 9.43 -6.12 7.65
C LEU A 76 9.27 -7.63 7.55
N ARG A 77 9.49 -8.30 8.66
CA ARG A 77 9.42 -9.76 8.71
C ARG A 77 8.59 -10.17 9.92
N VAL A 78 7.81 -11.23 9.76
CA VAL A 78 6.84 -11.65 10.76
C VAL A 78 6.64 -13.15 10.67
N ARG A 79 5.98 -13.69 11.68
CA ARG A 79 5.42 -15.03 11.66
C ARG A 79 3.95 -14.94 12.04
N LEU A 80 3.19 -15.94 11.63
CA LEU A 80 1.80 -16.02 11.97
C LEU A 80 1.42 -17.47 12.19
N PRO A 81 0.94 -17.83 13.38
CA PRO A 81 0.56 -19.22 13.63
C PRO A 81 -0.90 -19.47 13.32
N LEU A 82 -1.23 -20.75 13.18
CA LEU A 82 -2.59 -21.15 12.85
C LEU A 82 -3.55 -20.65 13.91
N VAL A 83 -4.74 -20.26 13.47
CA VAL A 83 -5.80 -19.82 14.35
C VAL A 83 -7.13 -20.33 13.82
N ALA A 84 -7.99 -20.78 14.72
CA ALA A 84 -9.30 -21.24 14.37
C ALA A 84 -10.14 -21.30 15.63
N ILE A 85 -11.44 -21.07 15.47
CA ILE A 85 -12.31 -20.97 16.63
C ILE A 85 -12.62 -22.35 17.15
N ARG A 86 -13.12 -22.42 18.38
CA ARG A 86 -13.26 -23.71 19.02
C ARG A 86 -14.65 -23.95 19.57
N PRO A 87 -14.97 -25.20 19.84
CA PRO A 87 -16.20 -25.53 20.56
C PRO A 87 -15.96 -25.64 22.05
N THR A 88 -17.03 -25.91 22.77
CA THR A 88 -16.96 -26.39 24.14
C THR A 88 -16.49 -25.32 25.11
N ASN A 89 -16.65 -24.05 24.74
CA ASN A 89 -16.38 -22.99 25.70
C ASN A 89 -17.35 -23.09 26.86
N THR A 90 -18.63 -23.30 26.56
CA THR A 90 -19.65 -23.57 27.57
C THR A 90 -20.77 -24.34 26.89
N GLY A 91 -20.81 -25.64 27.10
CA GLY A 91 -21.85 -26.46 26.47
C GLY A 91 -21.74 -26.51 24.96
N GLY A 92 -20.52 -26.55 24.44
CA GLY A 92 -20.29 -26.56 23.01
C GLY A 92 -20.28 -25.15 22.45
N ALA A 93 -20.15 -25.10 21.13
CA ALA A 93 -20.32 -23.87 20.36
C ALA A 93 -21.43 -24.09 19.36
N ILE A 94 -21.59 -23.13 18.45
CA ILE A 94 -22.66 -23.20 17.48
C ILE A 94 -22.57 -24.53 16.74
N ASN A 95 -23.67 -25.29 16.78
CA ASN A 95 -23.62 -26.67 16.32
C ASN A 95 -23.27 -26.75 14.83
N ALA A 96 -23.80 -25.83 14.03
CA ALA A 96 -23.82 -26.04 12.58
C ALA A 96 -22.96 -25.08 11.79
N ASN A 97 -23.18 -23.78 11.87
CA ASN A 97 -22.63 -22.85 10.91
C ASN A 97 -21.54 -21.97 11.47
N ALA A 98 -20.75 -22.49 12.40
CA ALA A 98 -19.61 -21.72 12.90
C ALA A 98 -18.85 -21.15 11.71
N THR A 99 -18.31 -19.95 11.90
CA THR A 99 -17.58 -19.26 10.85
C THR A 99 -16.34 -18.60 11.40
N ILE A 100 -15.42 -18.32 10.50
CA ILE A 100 -14.17 -17.63 10.81
C ILE A 100 -13.59 -17.12 9.51
N ARG A 101 -13.10 -15.89 9.54
CA ARG A 101 -12.66 -15.22 8.33
C ARG A 101 -11.35 -14.50 8.61
N TRP A 102 -10.88 -13.78 7.60
CA TRP A 102 -9.77 -12.85 7.73
C TRP A 102 -9.99 -11.73 6.74
N THR A 103 -9.07 -10.77 6.74
CA THR A 103 -9.18 -9.65 5.84
C THR A 103 -8.84 -10.08 4.41
N ARG A 104 -8.84 -9.08 3.51
CA ARG A 104 -8.39 -9.32 2.15
C ARG A 104 -6.92 -8.91 1.99
N ASN A 105 -6.48 -7.95 2.79
CA ASN A 105 -5.10 -7.51 2.84
C ASN A 105 -4.68 -7.44 4.29
N PHE A 106 -3.72 -8.28 4.68
CA PHE A 106 -3.38 -8.41 6.09
C PHE A 106 -2.25 -7.49 6.51
N MET A 107 -1.05 -7.71 5.98
CA MET A 107 0.10 -6.96 6.46
C MET A 107 0.08 -5.54 5.93
N HIS A 108 -0.69 -5.31 4.87
CA HIS A 108 -0.96 -3.94 4.45
C HIS A 108 -1.83 -3.24 5.48
N ASN A 109 -2.91 -3.90 5.88
CA ASN A 109 -3.87 -3.27 6.78
C ASN A 109 -3.38 -3.31 8.22
N LEU A 110 -2.75 -4.41 8.60
CA LEU A 110 -2.30 -4.56 9.98
C LEU A 110 -1.48 -3.36 10.42
N VAL A 111 -0.46 -3.01 9.64
CA VAL A 111 0.42 -1.93 10.03
C VAL A 111 -0.36 -0.63 10.07
N GLU A 112 -0.09 0.18 11.09
CA GLU A 112 -0.62 1.52 11.16
C GLU A 112 0.43 2.45 10.58
N LYS A 113 0.29 3.76 10.81
CA LYS A 113 1.24 4.71 10.26
C LYS A 113 2.66 4.33 10.67
N VAL A 114 3.60 4.54 9.76
CA VAL A 114 5.01 4.33 10.02
C VAL A 114 5.74 5.57 9.55
N ASN A 115 6.93 5.80 10.08
CA ASN A 115 7.71 6.98 9.72
C ASN A 115 9.04 6.94 10.43
N ILE A 116 9.97 7.76 9.95
CA ILE A 116 11.30 7.86 10.51
C ILE A 116 11.45 9.23 11.15
N THR A 117 12.31 9.32 12.16
CA THR A 117 12.53 10.54 12.91
C THR A 117 14.02 10.76 13.11
N PHE A 118 14.46 12.00 12.93
CA PHE A 118 15.84 12.39 13.19
C PHE A 118 15.93 13.29 14.42
N ASN A 119 15.13 12.96 15.44
CA ASN A 119 15.26 13.51 16.78
C ASN A 119 14.67 14.91 16.95
N ASP A 120 14.24 15.55 15.87
CA ASP A 120 13.62 16.88 15.96
C ASP A 120 12.46 17.05 15.01
N LEU A 121 12.13 16.05 14.20
CA LEU A 121 11.23 16.29 13.09
C LEU A 121 10.79 14.97 12.48
N ILE A 122 10.14 15.09 11.32
CA ILE A 122 9.71 13.96 10.51
C ILE A 122 9.95 14.33 9.06
N VAL A 123 10.27 13.33 8.24
CA VAL A 123 10.52 13.54 6.82
C VAL A 123 9.78 12.55 5.95
N HIS A 124 8.93 11.72 6.54
CA HIS A 124 8.37 10.57 5.87
C HIS A 124 7.16 10.12 6.65
N GLU A 125 6.26 9.42 5.98
CA GLU A 125 5.01 9.04 6.62
C GLU A 125 4.20 8.20 5.65
N PHE A 126 3.27 7.44 6.22
CA PHE A 126 2.61 6.37 5.49
C PHE A 126 1.29 6.05 6.17
N ASP A 127 0.56 5.14 5.56
CA ASP A 127 -0.62 4.52 6.15
C ASP A 127 -0.90 3.21 5.44
N SER A 128 -1.87 2.48 5.97
CA SER A 128 -2.32 1.27 5.28
C SER A 128 -2.88 1.61 3.91
N TYR A 129 -3.75 2.62 3.84
CA TYR A 129 -4.31 3.01 2.56
C TYR A 129 -3.23 3.18 1.50
N TRP A 130 -2.03 3.55 1.94
CA TRP A 130 -0.98 3.85 0.98
C TRP A 130 -0.43 2.58 0.35
N PHE A 131 -0.16 1.56 1.15
CA PHE A 131 0.17 0.27 0.56
C PHE A 131 -0.96 -0.18 -0.33
N ASP A 132 -2.20 0.06 0.11
CA ASP A 132 -3.34 -0.36 -0.67
C ASP A 132 -3.26 0.23 -2.08
N PHE A 133 -2.98 1.53 -2.17
CA PHE A 133 -2.85 2.16 -3.48
C PHE A 133 -1.64 1.63 -4.23
N ASN A 134 -0.49 1.64 -3.57
CA ASN A 134 0.77 1.34 -4.24
C ASN A 134 0.81 -0.09 -4.73
N SER A 135 -0.14 -0.92 -4.28
CA SER A 135 -0.19 -2.29 -4.76
C SER A 135 -0.57 -2.32 -6.23
N GLN A 136 -1.34 -1.33 -6.68
CA GLN A 136 -1.82 -1.33 -8.05
C GLN A 136 -0.92 -0.54 -8.97
N PHE A 137 -0.79 0.76 -8.72
CA PHE A 137 -0.28 1.67 -9.74
C PHE A 137 1.21 1.46 -9.98
N ASN A 138 1.98 1.42 -8.90
CA ASN A 138 3.44 1.52 -8.96
C ASN A 138 4.12 0.16 -8.90
N ILE A 139 3.51 -0.87 -9.46
CA ILE A 139 4.11 -2.19 -9.46
C ILE A 139 3.68 -2.94 -10.71
N ASP A 140 4.61 -3.70 -11.26
CA ASP A 140 4.49 -4.20 -12.63
C ASP A 140 3.21 -5.00 -12.83
N ALA A 141 2.88 -5.22 -14.10
CA ALA A 141 1.76 -6.09 -14.45
C ALA A 141 2.11 -7.55 -14.15
N SER A 142 3.38 -7.84 -13.91
CA SER A 142 3.80 -9.23 -13.76
C SER A 142 4.04 -9.59 -12.29
N LYS A 143 4.58 -8.66 -11.52
CA LYS A 143 5.09 -8.95 -10.18
C LYS A 143 4.00 -9.08 -9.14
N ARG A 144 2.72 -8.99 -9.54
CA ARG A 144 1.64 -8.93 -8.57
C ARG A 144 1.49 -10.24 -7.83
N VAL A 145 1.62 -11.35 -8.55
CA VAL A 145 1.42 -12.64 -7.91
C VAL A 145 2.51 -12.89 -6.89
N GLY A 146 3.73 -12.48 -7.18
CA GLY A 146 4.78 -12.58 -6.19
C GLY A 146 4.46 -11.71 -4.99
N TYR A 147 4.13 -10.44 -5.24
CA TYR A 147 3.75 -9.56 -4.15
C TYR A 147 2.74 -10.23 -3.24
N ARG A 148 1.72 -10.82 -3.84
CA ARG A 148 0.63 -11.38 -3.05
C ARG A 148 1.08 -12.64 -2.33
N ASN A 149 1.76 -13.54 -3.04
CA ASN A 149 2.32 -14.70 -2.37
C ASN A 149 3.14 -14.30 -1.16
N MET A 150 3.63 -13.06 -1.14
CA MET A 150 4.35 -12.59 0.03
C MET A 150 3.39 -12.11 1.12
N ILE A 151 2.12 -11.86 0.75
CA ILE A 151 1.15 -11.32 1.70
C ILE A 151 -0.27 -11.52 1.17
N GLY A 152 -1.15 -11.99 2.04
CA GLY A 152 -2.59 -11.91 1.80
C GLY A 152 -3.04 -12.33 0.42
N ASP A 153 -2.95 -13.62 0.11
CA ASP A 153 -3.08 -14.08 -1.26
C ASP A 153 -3.87 -15.36 -1.41
N ILE A 154 -4.38 -15.93 -0.32
CA ILE A 154 -4.66 -17.35 -0.34
C ILE A 154 -6.02 -17.64 0.26
N PRO A 155 -6.72 -18.65 -0.27
CA PRO A 155 -7.96 -19.13 0.37
C PRO A 155 -7.75 -19.73 1.74
N ALA A 156 -6.55 -19.65 2.29
CA ALA A 156 -6.39 -19.86 3.73
C ALA A 156 -6.74 -18.58 4.49
N MET A 157 -6.23 -17.45 4.03
CA MET A 157 -6.58 -16.18 4.67
C MET A 157 -7.95 -15.70 4.21
N ILE A 158 -8.49 -16.31 3.17
CA ILE A 158 -9.84 -15.98 2.72
C ILE A 158 -10.54 -17.29 2.37
N ASN A 159 -11.75 -17.22 1.83
CA ASN A 159 -12.49 -18.46 1.58
C ASN A 159 -12.65 -19.14 2.93
N PRO A 160 -13.41 -18.53 3.81
CA PRO A 160 -13.38 -18.92 5.22
C PRO A 160 -13.84 -20.36 5.44
N VAL A 161 -13.81 -20.75 6.71
CA VAL A 161 -14.03 -22.13 7.12
C VAL A 161 -14.99 -22.16 8.30
N THR A 162 -15.51 -23.36 8.56
CA THR A 162 -16.24 -23.59 9.79
C THR A 162 -15.26 -23.81 10.93
N THR A 163 -15.80 -23.91 12.16
CA THR A 163 -14.96 -23.89 13.34
C THR A 163 -13.96 -25.04 13.34
N GLY A 164 -14.45 -26.28 13.37
CA GLY A 164 -13.55 -27.41 13.57
C GLY A 164 -12.35 -27.36 12.66
N ASN A 165 -12.58 -27.36 11.36
CA ASN A 165 -11.47 -27.31 10.43
C ASN A 165 -10.65 -26.05 10.70
N PRO A 166 -9.34 -26.12 10.56
CA PRO A 166 -8.50 -24.98 10.91
C PRO A 166 -8.43 -23.97 9.79
N LEU A 167 -7.54 -23.00 9.98
CA LEU A 167 -7.31 -21.96 9.00
C LEU A 167 -6.06 -21.18 9.39
N GLY A 168 -5.57 -20.40 8.45
CA GLY A 168 -4.27 -19.78 8.57
C GLY A 168 -3.18 -20.66 7.98
N THR A 169 -1.96 -20.12 8.00
CA THR A 169 -0.80 -20.87 7.54
C THR A 169 0.40 -20.52 8.40
N GLY A 170 0.99 -21.54 9.02
CA GLY A 170 2.06 -21.35 9.97
C GLY A 170 3.39 -21.03 9.34
N GLU A 171 3.49 -19.88 8.71
CA GLU A 171 4.75 -19.41 8.15
C GLU A 171 4.86 -17.91 8.29
N PHE A 172 5.82 -17.36 7.56
CA PHE A 172 6.12 -15.94 7.65
C PHE A 172 5.40 -15.17 6.55
N PHE A 173 5.41 -13.85 6.69
CA PHE A 173 4.90 -12.92 5.70
C PHE A 173 5.90 -11.79 5.56
N ASN A 174 6.26 -11.47 4.32
CA ASN A 174 7.20 -10.40 4.01
C ASN A 174 6.44 -9.19 3.49
N LEU A 175 6.78 -8.02 4.00
CA LEU A 175 6.16 -6.77 3.59
C LEU A 175 7.24 -5.70 3.39
N PRO A 176 7.37 -5.15 2.20
CA PRO A 176 8.33 -4.07 2.00
C PRO A 176 7.68 -2.71 2.15
N ILE A 177 8.40 -1.74 2.70
CA ILE A 177 7.98 -0.36 2.76
C ILE A 177 9.09 0.51 2.20
N PRO A 178 8.81 1.45 1.32
CA PRO A 178 9.85 2.37 0.88
C PRO A 178 9.95 3.53 1.84
N LEU A 179 11.18 3.86 2.20
CA LEU A 179 11.47 4.74 3.33
C LEU A 179 12.45 5.83 2.90
N PHE A 180 12.12 6.58 1.84
CA PHE A 180 13.04 7.61 1.34
C PHE A 180 14.05 7.01 0.36
N TYR A 181 13.90 5.72 0.01
CA TYR A 181 14.93 5.01 -0.74
C TYR A 181 14.36 4.09 -1.81
N THR A 182 13.54 4.64 -2.70
CA THR A 182 13.09 3.86 -3.86
C THR A 182 14.17 3.73 -4.91
N GLU A 183 14.73 4.85 -5.39
CA GLU A 183 15.54 4.88 -6.60
C GLU A 183 17.03 4.86 -6.34
N ASP A 184 17.48 4.13 -5.32
CA ASP A 184 18.91 3.90 -5.14
C ASP A 184 19.65 5.21 -4.92
N SER A 185 18.93 6.24 -4.47
CA SER A 185 19.58 7.49 -4.11
C SER A 185 20.68 7.25 -3.09
N GLY A 186 20.33 6.64 -1.96
CA GLY A 186 21.31 6.25 -0.96
C GLY A 186 21.46 7.27 0.17
N LEU A 187 22.09 6.82 1.25
CA LEU A 187 22.19 7.60 2.48
C LEU A 187 23.64 7.71 2.89
N ALA A 188 23.98 8.85 3.51
CA ALA A 188 25.34 9.10 3.98
C ALA A 188 25.42 8.87 5.49
N LEU A 189 25.45 7.60 5.87
CA LEU A 189 25.49 7.28 7.29
C LEU A 189 26.78 7.78 7.92
N ALA A 190 27.91 7.23 7.47
CA ALA A 190 29.15 7.41 8.19
C ALA A 190 29.64 8.85 8.09
N VAL A 191 29.06 9.61 7.16
CA VAL A 191 29.52 10.98 6.95
C VAL A 191 28.59 11.96 7.65
N SER A 192 27.29 11.75 7.52
CA SER A 192 26.30 12.69 8.01
C SER A 192 25.83 12.35 9.41
N ALA A 193 25.26 11.17 9.58
CA ALA A 193 24.53 10.87 10.80
C ALA A 193 25.47 10.81 11.99
N LEU A 194 26.74 10.54 11.75
CA LEU A 194 27.64 10.20 12.84
C LEU A 194 27.55 11.08 14.08
N PRO A 195 27.54 12.42 14.00
CA PRO A 195 27.58 13.19 15.25
C PRO A 195 26.31 13.08 16.07
N PHE A 196 25.15 13.41 15.49
CA PHE A 196 23.97 13.61 16.30
C PHE A 196 22.66 13.12 15.66
N ASN A 197 22.69 12.55 14.47
CA ASN A 197 21.43 12.23 13.80
C ASN A 197 20.57 11.34 14.67
N ASP A 198 21.14 10.27 15.19
CA ASP A 198 20.40 9.30 15.97
C ASP A 198 19.24 8.74 15.14
N ILE A 199 19.58 8.20 13.98
CA ILE A 199 18.56 7.64 13.09
C ILE A 199 17.66 6.71 13.88
N LYS A 200 16.40 6.66 13.47
CA LYS A 200 15.42 5.85 14.16
C LYS A 200 14.22 5.64 13.25
N ILE A 201 13.42 4.63 13.59
CA ILE A 201 12.24 4.26 12.82
C ILE A 201 11.12 3.96 13.80
N ASN A 202 9.89 4.12 13.34
CA ASN A 202 8.72 4.03 14.20
C ASN A 202 7.61 3.27 13.50
N TYR A 203 6.72 2.69 14.30
CA TYR A 203 5.61 1.91 13.79
C TYR A 203 4.40 2.17 14.68
N CYS A 204 3.31 1.47 14.38
CA CYS A 204 2.11 1.45 15.18
C CYS A 204 1.23 0.33 14.67
N LEU A 205 0.72 -0.48 15.60
CA LEU A 205 0.10 -1.75 15.26
C LEU A 205 -1.36 -1.73 15.72
N ARG A 206 -2.05 -2.85 15.52
CA ARG A 206 -3.49 -2.89 15.67
C ARG A 206 -3.95 -4.11 16.47
N ARG A 207 -5.13 -3.96 17.06
CA ARG A 207 -5.76 -5.07 17.75
C ARG A 207 -6.25 -6.11 16.74
N TRP A 208 -5.94 -7.37 17.01
CA TRP A 208 -6.29 -8.43 16.07
C TRP A 208 -7.76 -8.39 15.70
N GLN A 209 -8.61 -7.86 16.56
CA GLN A 209 -10.02 -7.72 16.20
C GLN A 209 -10.17 -7.01 14.87
N ASP A 210 -9.66 -5.79 14.78
CA ASP A 210 -9.91 -4.94 13.62
C ASP A 210 -9.54 -5.63 12.32
N LEU A 211 -8.75 -6.71 12.39
CA LEU A 211 -8.35 -7.39 11.17
C LEU A 211 -9.25 -8.57 10.88
N ILE A 212 -9.96 -9.08 11.89
CA ILE A 212 -10.73 -10.31 11.79
C ILE A 212 -12.21 -9.97 11.74
N VAL A 213 -13.00 -10.94 11.29
CA VAL A 213 -14.46 -10.87 11.32
C VAL A 213 -14.99 -12.27 11.60
N LEU A 214 -16.26 -12.36 11.96
CA LEU A 214 -16.91 -13.63 12.17
C LEU A 214 -18.41 -13.43 12.32
N ASN A 215 -19.16 -14.20 11.55
CA ASN A 215 -20.62 -14.22 11.64
C ASN A 215 -21.04 -15.24 12.68
N VAL A 216 -21.31 -14.77 13.89
CA VAL A 216 -21.93 -15.63 14.88
C VAL A 216 -23.11 -16.32 14.25
N GLY A 217 -23.23 -17.61 14.48
CA GLY A 217 -24.28 -18.38 13.88
C GLY A 217 -25.47 -18.57 14.80
N VAL A 218 -26.44 -19.30 14.28
CA VAL A 218 -27.67 -19.62 15.00
C VAL A 218 -27.46 -20.78 15.95
N GLY A 219 -28.27 -20.86 17.00
CA GLY A 219 -28.27 -22.00 17.88
C GLY A 219 -28.31 -21.69 19.37
N GLY A 220 -28.44 -20.42 19.73
CA GLY A 220 -28.50 -20.04 21.13
C GLY A 220 -27.21 -20.23 21.90
N ASN A 221 -26.13 -20.64 21.25
CA ASN A 221 -24.83 -20.85 21.88
C ASN A 221 -23.77 -20.22 20.99
N PRO A 222 -23.85 -18.90 20.80
CA PRO A 222 -23.04 -18.27 19.77
C PRO A 222 -21.60 -18.13 20.20
N PRO A 223 -20.69 -17.88 19.26
CA PRO A 223 -19.31 -17.61 19.62
C PRO A 223 -19.10 -16.17 20.03
N THR A 224 -17.83 -15.83 20.19
CA THR A 224 -17.42 -14.51 20.60
C THR A 224 -16.08 -14.16 19.99
N TYR A 225 -15.43 -13.16 20.58
CA TYR A 225 -14.13 -12.72 20.09
C TYR A 225 -13.01 -13.52 20.75
N ASP A 226 -13.06 -13.66 22.08
CA ASP A 226 -11.91 -14.22 22.79
C ASP A 226 -11.87 -15.74 22.68
N ASP A 227 -12.98 -16.38 22.31
CA ASP A 227 -12.92 -17.82 22.10
C ASP A 227 -11.87 -18.20 21.07
N ILE A 228 -11.53 -17.27 20.18
CA ILE A 228 -10.43 -17.50 19.25
C ILE A 228 -9.18 -17.89 20.03
N VAL A 229 -8.37 -18.77 19.46
CA VAL A 229 -7.15 -19.23 20.10
C VAL A 229 -6.27 -19.92 19.08
N GLN A 230 -4.98 -20.00 19.40
CA GLN A 230 -4.01 -20.61 18.49
C GLN A 230 -4.37 -22.06 18.19
N VAL A 231 -3.66 -22.62 17.22
CA VAL A 231 -3.81 -24.01 16.81
C VAL A 231 -2.44 -24.57 16.52
N SER A 232 -2.32 -25.89 16.55
CA SER A 232 -1.08 -26.56 16.21
C SER A 232 -1.36 -27.98 15.78
N TYR A 233 -0.43 -28.52 14.99
CA TYR A 233 -0.47 -29.91 14.57
C TYR A 233 0.54 -30.71 15.37
N ASP A 234 0.07 -31.76 16.03
CA ASP A 234 0.94 -32.56 16.87
C ASP A 234 1.79 -33.49 16.02
N SER A 235 2.50 -34.38 16.71
CA SER A 235 3.27 -35.40 16.02
C SER A 235 2.38 -36.37 15.25
N THR A 236 1.22 -36.71 15.83
CA THR A 236 0.34 -37.72 15.27
C THR A 236 -0.70 -37.14 14.33
N PHE A 237 -0.52 -35.87 13.94
CA PHE A 237 -1.45 -35.22 13.01
C PHE A 237 -2.87 -35.18 13.56
N THR A 238 -3.04 -34.42 14.64
CA THR A 238 -4.36 -34.12 15.18
C THR A 238 -4.41 -32.68 15.67
N LEU A 239 -5.62 -32.13 15.68
CA LEU A 239 -5.79 -30.75 16.10
C LEU A 239 -5.49 -30.60 17.57
N ILE A 240 -4.77 -29.53 17.89
CA ILE A 240 -4.44 -29.19 19.27
C ILE A 240 -4.70 -27.71 19.46
N TYR A 241 -5.12 -27.34 20.66
CA TYR A 241 -5.53 -25.98 20.98
C TYR A 241 -4.75 -25.45 22.17
N SER A 242 -5.14 -24.26 22.60
CA SER A 242 -4.52 -23.61 23.74
C SER A 242 -5.52 -22.69 24.40
N SER A 243 -4.99 -21.78 25.21
CA SER A 243 -5.78 -20.65 25.68
C SER A 243 -5.18 -19.34 25.19
N ASN A 244 -3.97 -19.40 24.64
CA ASN A 244 -3.24 -18.19 24.30
C ASN A 244 -3.92 -17.45 23.16
N ALA A 245 -4.15 -16.17 23.37
CA ALA A 245 -4.70 -15.35 22.32
C ALA A 245 -3.76 -15.32 21.12
N PRO A 246 -4.29 -15.08 19.93
CA PRO A 246 -3.43 -15.07 18.74
C PRO A 246 -2.44 -13.94 18.80
N ALA A 247 -1.28 -14.15 18.18
CA ALA A 247 -0.23 -13.15 18.21
C ALA A 247 0.85 -13.57 17.23
N ILE A 248 1.73 -12.62 16.91
CA ILE A 248 2.86 -12.86 16.04
C ILE A 248 4.10 -12.98 16.90
N THR A 249 4.94 -13.96 16.60
CA THR A 249 6.05 -14.30 17.48
C THR A 249 7.21 -13.34 17.31
N ASN A 250 7.79 -13.32 16.11
CA ASN A 250 9.05 -12.66 15.86
C ASN A 250 8.83 -11.48 14.94
N VAL A 251 9.10 -10.29 15.45
CA VAL A 251 8.97 -9.06 14.68
C VAL A 251 10.36 -8.47 14.53
N GLU A 252 10.89 -8.52 13.32
CA GLU A 252 12.20 -7.95 13.04
C GLU A 252 12.17 -7.29 11.69
N THR A 253 12.97 -6.25 11.56
CA THR A 253 13.16 -5.54 10.31
C THR A 253 14.51 -5.95 9.74
N TRP A 254 14.51 -6.26 8.44
CA TRP A 254 15.70 -6.72 7.75
C TRP A 254 16.04 -5.68 6.70
N CYS A 255 17.22 -5.07 6.81
CA CYS A 255 17.64 -4.05 5.88
C CYS A 255 19.00 -4.42 5.30
N HIS A 256 19.14 -4.18 4.01
CA HIS A 256 20.42 -4.32 3.36
C HIS A 256 21.38 -3.23 3.82
N TYR A 257 22.67 -3.46 3.57
CA TYR A 257 23.69 -2.46 3.79
C TYR A 257 24.79 -2.66 2.77
N ALA A 258 25.33 -1.54 2.31
CA ALA A 258 26.39 -1.53 1.33
C ALA A 258 27.64 -0.93 1.93
N VAL A 259 28.78 -1.56 1.68
CA VAL A 259 30.07 -1.08 2.14
C VAL A 259 30.83 -0.61 0.93
N VAL A 260 31.84 0.24 1.15
CA VAL A 260 32.65 0.74 0.07
C VAL A 260 34.07 0.98 0.58
N HIS A 261 34.96 1.24 -0.37
CA HIS A 261 36.32 1.64 -0.02
C HIS A 261 36.27 2.83 0.91
N ASN A 262 37.29 2.93 1.76
CA ASN A 262 37.35 4.06 2.69
C ASN A 262 37.40 5.38 1.93
N ASP A 263 38.06 5.39 0.77
CA ASP A 263 38.15 6.62 0.01
C ASP A 263 36.77 7.14 -0.35
N GLU A 264 35.97 6.34 -1.07
CA GLU A 264 34.63 6.77 -1.44
C GLU A 264 33.89 7.32 -0.23
N ARG A 265 34.20 6.80 0.95
CA ARG A 265 33.59 7.33 2.16
C ARG A 265 34.17 8.70 2.50
N VAL A 266 35.42 8.94 2.12
CA VAL A 266 36.08 10.19 2.48
C VAL A 266 35.63 11.34 1.58
N LYS A 267 35.34 11.06 0.31
CA LYS A 267 34.89 12.12 -0.59
C LYS A 267 33.67 12.83 -0.02
N MET A 268 33.00 12.20 0.95
CA MET A 268 31.71 12.69 1.39
C MET A 268 31.85 13.79 2.42
N GLY A 269 32.56 13.53 3.51
CA GLY A 269 32.56 14.48 4.62
C GLY A 269 33.12 15.84 4.25
N LYS A 270 34.06 15.87 3.31
CA LYS A 270 34.66 17.14 2.92
C LYS A 270 33.60 18.12 2.43
N ASN A 271 32.50 17.60 1.88
CA ASN A 271 31.57 18.42 1.16
C ASN A 271 30.13 17.99 1.46
N PRO A 272 29.26 18.90 1.86
CA PRO A 272 27.85 18.55 1.99
C PRO A 272 27.15 18.59 0.66
N ARG A 273 25.95 18.00 0.64
CA ARG A 273 25.15 17.97 -0.58
C ARG A 273 23.68 17.98 -0.21
N ASP A 274 22.87 18.28 -1.21
CA ASP A 274 21.43 18.37 -1.06
C ASP A 274 20.76 17.36 -1.98
N MET A 275 19.62 16.85 -1.53
CA MET A 275 18.90 15.80 -2.24
C MET A 275 17.46 16.21 -2.44
N VAL A 276 16.85 15.60 -3.45
CA VAL A 276 15.45 15.84 -3.80
C VAL A 276 14.73 14.51 -3.73
N ILE A 277 13.62 14.47 -3.01
CA ILE A 277 12.96 13.22 -2.70
C ILE A 277 11.46 13.40 -2.59
N LYS A 278 10.77 12.28 -2.42
CA LYS A 278 9.34 12.26 -2.23
C LYS A 278 8.97 12.03 -0.76
N GLN A 279 7.69 12.15 -0.48
CA GLN A 279 7.08 11.78 0.78
C GLN A 279 5.58 11.87 0.58
N VAL A 280 4.82 11.75 1.65
CA VAL A 280 3.37 11.86 1.55
C VAL A 280 2.84 12.81 2.60
N GLN A 281 1.52 12.93 2.62
CA GLN A 281 0.78 13.70 3.60
C GLN A 281 -0.59 13.06 3.71
N LYS A 282 -1.54 13.80 4.28
CA LYS A 282 -2.90 13.32 4.37
C LYS A 282 -3.80 14.40 4.93
N VAL A 283 -5.08 14.08 4.98
CA VAL A 283 -6.08 14.86 5.69
C VAL A 283 -6.88 13.91 6.56
N ASN A 284 -7.20 14.35 7.77
CA ASN A 284 -7.94 13.52 8.69
C ASN A 284 -9.22 13.03 8.04
N GLU A 285 -9.29 11.73 7.79
CA GLU A 285 -10.45 11.15 7.15
C GLU A 285 -11.72 11.53 7.90
N THR A 286 -12.80 11.71 7.15
CA THR A 286 -14.06 12.18 7.73
C THR A 286 -15.21 11.29 7.26
N THR A 287 -16.24 11.22 8.10
CA THR A 287 -17.48 10.58 7.70
C THR A 287 -18.14 11.43 6.62
N ILE A 288 -19.09 10.84 5.91
CA ILE A 288 -19.73 11.49 4.78
C ILE A 288 -21.07 10.82 4.50
N ASN A 289 -21.92 11.56 3.78
CA ASN A 289 -23.23 11.09 3.38
C ASN A 289 -23.26 10.93 1.87
N LEU A 290 -23.62 9.72 1.42
CA LEU A 290 -23.76 9.41 0.01
C LEU A 290 -25.15 8.91 -0.32
N SER A 291 -26.15 9.29 0.48
CA SER A 291 -27.43 8.61 0.41
C SER A 291 -28.40 9.32 -0.53
N GLN A 292 -28.14 10.59 -0.85
CA GLN A 292 -29.04 11.33 -1.73
C GLN A 292 -28.65 11.12 -3.19
N LEU A 293 -29.59 11.44 -4.08
CA LEU A 293 -29.46 11.08 -5.48
C LEU A 293 -28.44 11.96 -6.20
N ASN A 294 -28.46 11.88 -7.52
CA ASN A 294 -27.46 12.57 -8.33
C ASN A 294 -27.72 14.06 -8.30
N ALA A 295 -27.56 14.66 -7.13
CA ALA A 295 -27.57 16.09 -6.95
C ALA A 295 -26.49 16.43 -5.94
N LEU A 296 -25.59 17.32 -6.31
CA LEU A 296 -24.33 17.50 -5.60
C LEU A 296 -24.55 18.20 -4.26
N VAL A 297 -24.92 17.39 -3.26
CA VAL A 297 -24.97 17.86 -1.89
C VAL A 297 -23.58 17.77 -1.27
N PRO A 298 -22.87 16.65 -1.41
CA PRO A 298 -21.63 16.46 -0.64
C PRO A 298 -20.52 17.38 -1.09
N ILE A 299 -19.68 17.75 -0.12
CA ILE A 299 -18.53 18.60 -0.35
C ILE A 299 -17.37 18.07 0.48
N ASP A 300 -16.17 18.59 0.21
CA ASP A 300 -14.98 18.24 0.95
C ASP A 300 -13.86 19.15 0.50
N ILE A 301 -12.81 19.21 1.30
CA ILE A 301 -11.69 20.10 1.03
C ILE A 301 -10.39 19.39 1.25
N ARG A 302 -9.29 20.09 0.99
CA ARG A 302 -7.97 19.50 1.01
C ARG A 302 -6.92 20.59 1.24
N VAL A 303 -5.75 20.17 1.70
CA VAL A 303 -4.65 21.07 2.03
C VAL A 303 -3.35 20.29 1.95
N SER A 304 -2.29 20.94 1.49
CA SER A 304 -1.01 20.25 1.37
C SER A 304 0.05 21.21 0.83
N HIS A 305 1.29 20.72 0.82
CA HIS A 305 2.42 21.39 0.18
C HIS A 305 2.45 21.05 -1.32
N ALA A 306 3.41 21.66 -2.02
CA ALA A 306 3.61 21.36 -3.44
C ALA A 306 3.81 19.87 -3.65
N VAL A 307 3.23 19.35 -4.73
CA VAL A 307 3.20 17.91 -4.92
C VAL A 307 3.40 17.54 -6.38
N VAL A 308 3.32 16.24 -6.63
CA VAL A 308 3.22 15.66 -7.95
C VAL A 308 2.11 14.62 -7.89
N GLY A 309 0.93 15.00 -8.35
CA GLY A 309 -0.19 14.09 -8.39
C GLY A 309 -0.90 14.01 -7.06
N TYR A 310 -1.97 13.21 -7.04
CA TYR A 310 -2.71 12.97 -5.82
C TYR A 310 -3.75 11.88 -6.05
N PHE A 311 -3.94 11.06 -5.03
CA PHE A 311 -4.82 9.90 -5.10
C PHE A 311 -5.98 10.07 -4.15
N TYR A 312 -7.13 9.48 -4.49
CA TYR A 312 -8.30 9.49 -3.63
C TYR A 312 -9.11 8.22 -3.82
N ALA A 313 -10.11 8.03 -2.96
CA ALA A 313 -10.82 6.77 -2.91
C ALA A 313 -12.08 6.89 -2.07
N ILE A 314 -12.69 5.74 -1.81
CA ILE A 314 -13.87 5.62 -0.95
C ILE A 314 -13.72 4.35 -0.13
N ARG A 315 -14.50 4.23 0.93
CA ARG A 315 -14.62 2.98 1.66
C ARG A 315 -15.91 2.97 2.46
N ASN A 316 -16.55 1.79 2.54
CA ASN A 316 -17.85 1.62 3.14
C ASN A 316 -17.80 0.39 4.05
N SER A 317 -16.78 0.35 4.89
CA SER A 317 -16.61 -0.77 5.81
C SER A 317 -17.94 -1.27 6.33
N SER A 318 -18.59 -0.48 7.18
CA SER A 318 -19.87 -0.87 7.76
C SER A 318 -19.78 -2.25 8.43
N THR A 319 -18.56 -2.67 8.75
CA THR A 319 -18.34 -3.99 9.33
C THR A 319 -16.99 -3.99 10.04
N THR A 320 -16.91 -4.79 11.09
CA THR A 320 -15.74 -4.80 11.96
C THR A 320 -14.72 -5.78 11.43
N GLY A 321 -13.98 -5.37 10.40
CA GLY A 321 -12.87 -6.15 9.90
C GLY A 321 -12.86 -6.35 8.41
N GLU A 322 -13.99 -6.19 7.73
CA GLU A 322 -14.00 -6.30 6.27
C GLU A 322 -13.37 -5.04 5.69
N TRP A 323 -12.07 -4.90 5.97
CA TRP A 323 -11.37 -3.71 5.56
C TRP A 323 -11.04 -3.76 4.08
N SER A 324 -10.62 -2.61 3.57
CA SER A 324 -10.26 -2.46 2.16
C SER A 324 -11.33 -3.05 1.23
N ASN A 325 -12.52 -2.45 1.26
CA ASN A 325 -13.61 -2.92 0.42
C ASN A 325 -13.78 -2.04 -0.82
N TYR A 326 -13.96 -0.75 -0.62
CA TYR A 326 -14.03 0.21 -1.72
C TYR A 326 -15.18 -0.11 -2.66
N THR A 327 -16.40 -0.12 -2.12
CA THR A 327 -17.58 -0.38 -2.95
C THR A 327 -18.84 -0.27 -2.12
N THR A 328 -19.97 -0.30 -2.83
CA THR A 328 -21.27 -0.51 -2.20
C THR A 328 -21.51 -1.99 -2.09
N GLU A 329 -20.53 -2.71 -1.56
CA GLU A 329 -20.63 -4.14 -1.34
C GLU A 329 -19.99 -4.41 0.01
N PRO A 330 -20.68 -5.04 0.94
CA PRO A 330 -20.16 -5.15 2.30
C PRO A 330 -19.06 -6.18 2.46
N ALA A 331 -19.28 -7.34 1.86
CA ALA A 331 -18.53 -8.53 2.19
C ALA A 331 -17.53 -8.94 1.13
N TYR A 332 -17.62 -8.38 -0.07
CA TYR A 332 -16.77 -8.79 -1.17
C TYR A 332 -16.67 -7.62 -2.14
N ALA A 333 -15.69 -7.69 -3.03
CA ALA A 333 -15.49 -6.61 -3.98
C ALA A 333 -16.78 -6.29 -4.72
N GLY A 334 -17.01 -5.01 -4.95
CA GLY A 334 -18.21 -4.57 -5.64
C GLY A 334 -17.90 -3.41 -6.56
N LEU A 335 -18.95 -2.94 -7.23
CA LEU A 335 -18.81 -1.82 -8.13
C LEU A 335 -18.45 -0.56 -7.36
N ASP A 336 -18.18 0.50 -8.10
CA ASP A 336 -17.83 1.76 -7.47
C ASP A 336 -19.10 2.45 -6.98
N PRO A 337 -19.03 3.15 -5.85
CA PRO A 337 -20.21 3.88 -5.38
C PRO A 337 -20.47 5.13 -6.19
N LEU A 338 -19.43 5.87 -6.53
CA LEU A 338 -19.57 7.20 -7.09
C LEU A 338 -19.14 7.24 -8.55
N GLU A 339 -19.49 8.33 -9.20
CA GLU A 339 -19.07 8.63 -10.56
C GLU A 339 -19.18 10.13 -10.78
N ALA A 340 -18.73 10.57 -11.93
CA ALA A 340 -18.94 11.95 -12.36
C ALA A 340 -18.34 12.92 -11.34
N ALA A 341 -17.22 12.55 -10.76
CA ALA A 341 -16.56 13.41 -9.80
C ALA A 341 -15.97 14.63 -10.47
N GLN A 342 -15.26 15.42 -9.68
CA GLN A 342 -14.63 16.64 -10.16
C GLN A 342 -13.80 17.23 -9.04
N LEU A 343 -12.92 18.16 -9.41
CA LEU A 343 -12.12 18.92 -8.46
C LEU A 343 -12.55 20.37 -8.50
N VAL A 344 -13.10 20.85 -7.38
CA VAL A 344 -13.57 22.22 -7.31
C VAL A 344 -12.39 23.17 -7.44
N TYR A 345 -12.67 24.40 -7.81
CA TYR A 345 -11.63 25.34 -8.20
C TYR A 345 -12.24 26.73 -8.31
N GLU A 346 -11.37 27.71 -8.59
CA GLU A 346 -11.85 29.06 -8.83
C GLU A 346 -11.71 29.45 -10.29
N SER A 347 -10.59 29.07 -10.92
CA SER A 347 -10.36 29.34 -12.33
C SER A 347 -9.30 28.38 -12.87
N THR A 348 -9.25 28.25 -14.21
CA THR A 348 -8.40 27.28 -14.90
C THR A 348 -8.37 25.96 -14.12
N ALA A 349 -9.57 25.44 -13.86
CA ALA A 349 -9.71 24.15 -13.19
C ALA A 349 -8.77 23.11 -13.79
N ARG A 350 -8.30 22.21 -12.94
CA ARG A 350 -7.38 21.19 -13.42
C ARG A 350 -8.13 19.94 -13.83
N VAL A 351 -9.46 19.94 -13.72
CA VAL A 351 -10.31 18.89 -14.24
C VAL A 351 -11.65 19.52 -14.58
N SER A 352 -12.35 18.96 -15.57
CA SER A 352 -13.66 19.47 -15.93
C SER A 352 -14.64 18.34 -16.21
N ASN A 353 -14.24 17.09 -15.93
CA ASN A 353 -15.13 15.96 -16.20
C ASN A 353 -14.54 14.67 -15.66
N GLY A 354 -15.41 13.67 -15.57
CA GLY A 354 -15.00 12.28 -15.58
C GLY A 354 -14.90 11.57 -14.25
N SER A 355 -15.32 10.31 -14.20
CA SER A 355 -14.95 9.37 -13.14
C SER A 355 -14.13 8.20 -13.64
N ASP A 356 -14.69 7.41 -14.57
CA ASP A 356 -13.92 6.33 -15.17
C ASP A 356 -12.67 6.87 -15.84
N TYR A 357 -12.77 8.09 -16.37
CA TYR A 357 -11.58 8.82 -16.79
C TYR A 357 -10.45 8.60 -15.80
N TYR A 358 -10.67 9.01 -14.55
CA TYR A 358 -9.61 8.98 -13.55
C TYR A 358 -8.94 7.62 -13.50
N SER A 359 -9.71 6.57 -13.20
CA SER A 359 -9.11 5.28 -12.93
C SER A 359 -8.40 4.73 -14.16
N LEU A 360 -8.98 4.89 -15.36
CA LEU A 360 -8.48 4.15 -16.50
C LEU A 360 -7.82 5.01 -17.57
N MET A 361 -8.54 6.00 -18.11
CA MET A 361 -8.02 6.70 -19.28
C MET A 361 -6.80 7.52 -18.90
N VAL A 362 -6.59 7.73 -17.60
CA VAL A 362 -5.42 8.49 -17.16
C VAL A 362 -4.19 7.60 -17.06
N PRO A 363 -4.22 6.44 -16.41
CA PRO A 363 -2.98 5.64 -16.35
C PRO A 363 -2.43 5.24 -17.70
N TRP A 364 -3.22 4.54 -18.51
CA TRP A 364 -2.79 4.12 -19.83
C TRP A 364 -2.09 5.25 -20.58
N TYR A 365 -2.43 6.50 -20.27
CA TYR A 365 -1.81 7.63 -20.96
C TYR A 365 -0.62 8.15 -20.16
N TRP A 366 -0.64 8.00 -18.83
CA TRP A 366 0.39 8.51 -17.94
C TRP A 366 1.10 7.44 -17.12
N HIS A 367 0.35 6.70 -16.28
CA HIS A 367 0.96 5.87 -15.24
C HIS A 367 1.63 4.63 -15.81
N LYS A 368 2.08 3.77 -14.89
CA LYS A 368 2.71 2.51 -15.27
C LYS A 368 1.67 1.41 -15.52
N SER A 369 0.89 1.07 -14.49
CA SER A 369 -0.09 -0.01 -14.58
C SER A 369 -1.49 0.53 -14.33
N ILE A 370 -2.45 -0.40 -14.28
CA ILE A 370 -3.84 -0.06 -14.01
C ILE A 370 -4.39 -1.01 -12.97
N PRO A 371 -5.54 -0.72 -12.39
CA PRO A 371 -6.06 -1.53 -11.30
C PRO A 371 -6.98 -2.65 -11.76
N GLU A 372 -7.49 -3.37 -10.78
CA GLU A 372 -8.44 -4.43 -11.00
C GLU A 372 -9.85 -3.87 -11.09
N GLU A 373 -10.84 -4.77 -11.12
CA GLU A 373 -12.24 -4.39 -11.20
C GLU A 373 -12.83 -4.17 -9.81
N THR A 374 -12.16 -3.35 -8.99
CA THR A 374 -12.67 -2.96 -7.68
C THR A 374 -12.93 -1.47 -7.57
N GLY A 375 -11.94 -0.65 -7.93
CA GLY A 375 -12.06 0.78 -7.84
C GLY A 375 -11.11 1.41 -6.85
N TYR A 376 -10.00 1.93 -7.36
CA TYR A 376 -9.06 2.77 -6.61
C TYR A 376 -8.88 4.03 -7.41
N HIS A 377 -9.80 4.97 -7.23
CA HIS A 377 -9.78 6.20 -8.01
C HIS A 377 -8.41 6.86 -7.88
N ALA A 378 -8.05 7.67 -8.87
CA ALA A 378 -6.74 8.29 -8.86
C ALA A 378 -6.61 9.29 -9.99
N TYR A 379 -5.55 10.09 -9.93
CA TYR A 379 -5.34 11.17 -10.88
C TYR A 379 -3.97 11.78 -10.67
N SER A 380 -3.35 12.19 -11.77
CA SER A 380 -2.14 12.98 -11.73
C SER A 380 -2.27 14.12 -12.70
N TYR A 381 -1.83 15.31 -12.28
CA TYR A 381 -1.63 16.40 -13.21
C TYR A 381 -0.15 16.73 -13.35
N SER A 382 0.68 15.70 -13.24
CA SER A 382 2.01 15.66 -13.82
C SER A 382 2.34 14.22 -14.14
N LEU A 383 3.57 13.99 -14.58
CA LEU A 383 3.99 12.67 -15.02
C LEU A 383 4.00 11.71 -13.84
N ASP A 384 4.32 10.44 -14.10
CA ASP A 384 4.40 9.47 -13.02
C ASP A 384 5.35 9.94 -11.94
N THR A 385 6.60 10.20 -12.32
CA THR A 385 7.62 10.76 -11.44
C THR A 385 8.01 9.80 -10.34
N PHE A 386 7.42 8.61 -10.31
CA PHE A 386 7.80 7.60 -9.33
C PHE A 386 9.31 7.39 -9.28
N ALA A 387 10.03 7.82 -10.32
CA ALA A 387 11.48 7.65 -10.40
C ALA A 387 12.24 8.85 -9.87
N SER A 388 11.57 9.74 -9.16
CA SER A 388 12.23 10.89 -8.56
C SER A 388 12.82 11.80 -9.62
N ASP A 389 12.44 11.58 -10.87
CA ASP A 389 12.83 12.45 -11.95
C ASP A 389 11.76 13.52 -12.12
N PRO A 390 12.09 14.78 -11.97
CA PRO A 390 11.07 15.83 -11.96
C PRO A 390 10.49 16.03 -13.34
N LYS A 391 9.26 15.58 -13.53
CA LYS A 391 8.55 15.73 -14.78
C LYS A 391 7.17 16.32 -14.47
N GLY A 392 7.12 17.65 -14.34
CA GLY A 392 5.88 18.35 -14.10
C GLY A 392 5.51 18.35 -12.64
N SER A 393 4.95 19.46 -12.17
CA SER A 393 4.64 19.60 -10.76
C SER A 393 3.84 20.88 -10.56
N THR A 394 3.39 21.08 -9.33
CA THR A 394 2.66 22.27 -8.95
C THR A 394 2.69 22.43 -7.45
N ASN A 395 2.32 23.61 -6.99
CA ASN A 395 2.31 23.94 -5.57
C ASN A 395 0.89 24.00 -5.06
N TYR A 396 0.71 23.70 -3.77
CA TYR A 396 -0.56 23.93 -3.09
C TYR A 396 -0.53 25.11 -2.14
N SER A 397 0.65 25.68 -1.88
CA SER A 397 0.72 26.89 -1.07
C SER A 397 -0.31 27.90 -1.53
N LYS A 398 -0.52 28.00 -2.83
CA LYS A 398 -1.44 28.96 -3.40
C LYS A 398 -2.80 28.33 -3.63
N LEU A 399 -3.68 29.07 -4.31
CA LEU A 399 -5.10 28.76 -4.38
C LEU A 399 -5.65 28.47 -2.98
N THR A 400 -5.45 29.45 -2.09
CA THR A 400 -5.68 29.22 -0.66
C THR A 400 -7.01 28.56 -0.38
N ASN A 401 -8.04 28.89 -1.17
CA ASN A 401 -9.36 28.26 -1.00
C ASN A 401 -9.41 26.93 -1.74
N VAL A 402 -8.44 26.06 -1.41
CA VAL A 402 -8.39 24.74 -2.01
C VAL A 402 -9.64 23.96 -1.60
N SER A 403 -9.99 22.96 -2.40
CA SER A 403 -11.07 22.05 -2.04
C SER A 403 -11.19 21.00 -3.12
N ASN A 404 -12.07 20.04 -2.87
CA ASN A 404 -12.44 19.04 -3.86
C ASN A 404 -13.94 18.92 -3.87
N GLN A 405 -14.45 18.19 -4.86
CA GLN A 405 -15.87 18.07 -5.09
C GLN A 405 -16.20 16.63 -5.45
N TYR A 406 -17.33 16.15 -4.93
CA TYR A 406 -17.68 14.74 -5.06
C TYR A 406 -19.16 14.61 -5.35
N VAL A 407 -19.57 13.39 -5.66
CA VAL A 407 -20.92 13.12 -6.11
C VAL A 407 -21.18 11.62 -6.16
N PRO A 408 -22.38 11.17 -5.80
CA PRO A 408 -22.65 9.73 -5.75
C PRO A 408 -23.16 9.19 -7.07
N SER A 409 -23.51 7.91 -7.03
CA SER A 409 -24.22 7.25 -8.11
C SER A 409 -25.50 6.64 -7.57
N THR A 410 -26.17 5.87 -8.42
CA THR A 410 -27.43 5.25 -8.02
C THR A 410 -27.19 4.09 -7.07
N ALA A 411 -26.27 3.20 -7.43
CA ALA A 411 -25.93 2.10 -6.55
C ALA A 411 -25.58 2.61 -5.16
N ALA A 412 -24.92 3.76 -5.10
CA ALA A 412 -24.51 4.30 -3.81
C ALA A 412 -25.69 4.48 -2.88
N VAL A 413 -26.71 5.22 -3.34
CA VAL A 413 -27.84 5.50 -2.47
C VAL A 413 -28.64 4.24 -2.24
N ASN A 414 -28.83 3.44 -3.30
CA ASN A 414 -29.55 2.19 -3.13
C ASN A 414 -28.95 1.39 -1.99
N ALA A 415 -27.63 1.45 -1.84
CA ALA A 415 -26.99 0.75 -0.73
C ALA A 415 -27.20 1.50 0.57
N SER A 416 -26.96 2.81 0.57
CA SER A 416 -27.09 3.58 1.80
C SER A 416 -28.44 3.36 2.45
N ALA A 417 -29.45 3.01 1.64
CA ALA A 417 -30.74 2.64 2.18
C ALA A 417 -30.90 1.13 2.32
N GLY A 418 -29.90 0.37 1.92
CA GLY A 418 -29.89 -1.06 2.17
C GLY A 418 -30.27 -1.91 0.99
N VAL A 419 -29.97 -1.47 -0.23
CA VAL A 419 -30.46 -2.16 -1.43
C VAL A 419 -29.47 -1.96 -2.57
N THR A 420 -29.67 -2.69 -3.65
CA THR A 420 -28.95 -2.46 -4.89
C THR A 420 -29.90 -2.57 -6.07
N ASN A 421 -29.35 -2.56 -7.28
CA ASN A 421 -30.17 -2.65 -8.47
C ASN A 421 -31.12 -3.83 -8.36
N THR A 422 -32.35 -3.61 -8.82
CA THR A 422 -33.39 -4.63 -8.83
C THR A 422 -33.90 -4.92 -7.43
N GLY A 423 -33.98 -3.88 -6.59
CA GLY A 423 -34.55 -4.00 -5.27
C GLY A 423 -34.05 -5.21 -4.51
N ILE A 424 -32.75 -5.29 -4.30
CA ILE A 424 -32.11 -6.47 -3.73
C ILE A 424 -31.64 -6.14 -2.32
N PRO A 425 -31.98 -6.94 -1.32
CA PRO A 425 -31.48 -6.69 0.02
C PRO A 425 -30.02 -7.11 0.12
N ILE A 426 -29.34 -6.60 1.14
CA ILE A 426 -27.93 -6.90 1.39
C ILE A 426 -27.82 -7.50 2.78
N PRO A 427 -27.15 -8.63 2.94
CA PRO A 427 -26.88 -9.15 4.27
C PRO A 427 -25.65 -8.52 4.88
N SER A 428 -25.26 -9.04 6.04
CA SER A 428 -24.10 -8.54 6.77
C SER A 428 -23.32 -9.72 7.31
N ALA A 429 -22.01 -9.56 7.42
CA ALA A 429 -21.16 -10.65 7.86
C ALA A 429 -21.13 -10.73 9.39
N THR A 430 -20.96 -9.59 10.05
CA THR A 430 -20.82 -9.60 11.50
C THR A 430 -22.03 -10.27 12.16
N ASN A 431 -23.17 -10.28 11.49
CA ASN A 431 -24.38 -10.87 12.02
C ASN A 431 -25.34 -11.17 10.89
N PRO A 432 -26.30 -12.05 11.11
CA PRO A 432 -27.36 -12.27 10.14
C PRO A 432 -28.48 -11.24 10.28
N ALA A 433 -28.56 -10.34 9.30
CA ALA A 433 -29.68 -9.41 9.19
C ALA A 433 -29.89 -9.15 7.70
N VAL A 434 -30.81 -9.91 7.12
CA VAL A 434 -30.89 -10.02 5.66
C VAL A 434 -30.92 -8.63 5.01
N THR A 435 -31.59 -7.69 5.65
CA THR A 435 -31.76 -6.35 5.11
C THR A 435 -31.67 -5.35 6.26
N GLN A 436 -32.15 -4.13 6.05
CA GLN A 436 -32.15 -3.09 7.08
C GLN A 436 -30.75 -2.54 7.30
N GLN A 437 -29.89 -2.66 6.28
CA GLN A 437 -28.54 -2.15 6.34
C GLN A 437 -28.52 -0.69 5.90
N ASN A 438 -27.99 0.16 6.75
CA ASN A 438 -27.68 1.55 6.39
C ASN A 438 -26.17 1.66 6.36
N GLN A 439 -25.59 1.29 5.22
CA GLN A 439 -24.15 1.10 5.12
C GLN A 439 -23.42 2.42 5.29
N THR A 440 -22.75 2.58 6.42
CA THR A 440 -21.91 3.75 6.64
C THR A 440 -20.88 3.87 5.55
N PHE A 441 -20.45 5.10 5.30
CA PHE A 441 -19.53 5.40 4.22
C PHE A 441 -18.38 6.24 4.77
N GLN A 442 -17.33 6.40 3.96
CA GLN A 442 -16.21 7.23 4.35
C GLN A 442 -15.53 7.80 3.12
N HIS A 443 -14.69 8.81 3.37
CA HIS A 443 -13.91 9.49 2.35
C HIS A 443 -12.47 9.51 2.80
N ILE A 444 -11.55 9.34 1.86
CA ILE A 444 -10.14 9.14 2.16
C ILE A 444 -9.32 9.80 1.07
N PHE A 445 -8.06 10.07 1.36
CA PHE A 445 -7.18 10.74 0.41
C PHE A 445 -5.73 10.58 0.84
N ARG A 446 -4.82 10.71 -0.13
CA ARG A 446 -3.40 10.81 0.13
C ARG A 446 -2.77 11.58 -1.02
N VAL A 447 -1.49 11.90 -0.87
CA VAL A 447 -0.78 12.68 -1.88
C VAL A 447 0.72 12.55 -1.67
N LEU A 448 1.46 12.61 -2.76
CA LEU A 448 2.91 12.66 -2.71
C LEU A 448 3.38 14.09 -2.60
N ASN A 449 4.69 14.28 -2.78
CA ASN A 449 5.24 15.62 -2.90
C ASN A 449 6.74 15.55 -3.15
N PHE A 450 7.30 16.71 -3.41
CA PHE A 450 8.74 16.91 -3.46
C PHE A 450 9.14 17.79 -2.28
N ASN A 451 10.35 17.59 -1.80
CA ASN A 451 11.00 18.53 -0.91
C ASN A 451 12.48 18.49 -1.17
N VAL A 452 13.22 19.26 -0.40
CA VAL A 452 14.65 19.40 -0.57
C VAL A 452 15.31 19.06 0.75
N LEU A 453 16.37 18.25 0.71
CA LEU A 453 17.03 17.74 1.90
C LEU A 453 18.49 18.19 1.90
N ARG A 454 18.92 18.75 3.02
CA ARG A 454 20.31 19.10 3.25
C ARG A 454 20.78 18.32 4.47
N LEU A 455 21.98 17.78 4.40
CA LEU A 455 22.56 17.04 5.50
C LEU A 455 24.07 17.25 5.51
N SER A 456 24.53 18.18 6.34
CA SER A 456 25.92 18.32 6.70
C SER A 456 26.22 17.58 8.00
N GLY A 457 25.27 17.61 8.92
CA GLY A 457 25.31 16.80 10.11
C GLY A 457 24.22 15.77 10.06
N GLY A 458 23.15 16.03 10.79
CA GLY A 458 22.03 15.11 10.83
C GLY A 458 21.23 15.07 9.54
N SER A 459 20.58 16.18 9.21
CA SER A 459 19.69 16.26 8.06
C SER A 459 18.96 17.59 8.01
#